data_5YJZ
#
_entry.id   5YJZ
#
_cell.length_a   187.290
_cell.length_b   187.290
_cell.length_c   67.609
_cell.angle_alpha   90.00
_cell.angle_beta   90.00
_cell.angle_gamma   120.00
#
_symmetry.space_group_name_H-M   'P 63 2 2'
#
loop_
_entity.id
_entity.type
_entity.pdbx_description
1 polymer 'Probable conserved ATP-binding protein ABC transporter'
2 non-polymer GLYCEROL
3 non-polymer 'SULFATE ION'
4 water water
#
_entity_poly.entity_id   1
_entity_poly.type   'polypeptide(L)'
_entity_poly.pdbx_seq_one_letter_code
;GPLGSMDDGSVSDIKRGRAARNAKLASIPVGFAGRAALGLGKRLTGKSKDEVTAELMEKAANQLFTVLGELKGGAMKVGQ
ALSVMEAAIPDEFGEPYREALTKLQKDAPPLPASKVHRVLDGQLGTKWRERFSSFNDTPVASASIGQVHKAIWSDGREVA
VKIQYPGADEALRADLKTMQRMVGVLKQLSPGADVQGVVDELVERTEMELDYRLEAANQRAFAKAYHDHPRFQVPHVVAS
APKVVIQEWIEGVPMAEIIRHGTTEQRDLIGTLLAELTFDAPRRLGLMHGDAHPGNFMLLPDGRMGIIDFGAVAPMPGGF
PIELGMTIRLAREKNYDLLLPTMEKAGLIQRGRQVSVREIDEMLRQYVEPIQVEVFHYTRKWLQKMTVSQIDRSVAQIRT
ARQMDLPAKLAIPMRVIASVGAILCQLDAHVPIKALSEELIPGFAEPDAIVV
;
_entity_poly.pdbx_strand_id   A
#
loop_
_chem_comp.id
_chem_comp.type
_chem_comp.name
_chem_comp.formula
GOL non-polymer GLYCEROL 'C3 H8 O3'
SO4 non-polymer 'SULFATE ION' 'O4 S -2'
#
# COMPACT_ATOMS: atom_id res chain seq x y z
N SER A 48 9.13 -10.33 25.79
CA SER A 48 8.52 -9.04 26.06
C SER A 48 7.00 -9.10 26.15
N LYS A 49 6.41 -8.07 26.74
CA LYS A 49 4.97 -7.95 26.84
C LYS A 49 4.42 -7.09 25.71
N ASP A 50 5.32 -6.55 24.90
CA ASP A 50 4.94 -5.67 23.80
C ASP A 50 4.83 -6.44 22.48
N GLU A 51 5.70 -7.42 22.27
CA GLU A 51 5.57 -8.34 21.14
C GLU A 51 4.17 -8.93 21.18
N VAL A 52 3.82 -9.40 22.37
CA VAL A 52 2.54 -10.03 22.62
C VAL A 52 1.37 -9.10 22.29
N THR A 53 1.45 -7.86 22.76
CA THR A 53 0.39 -6.90 22.52
C THR A 53 0.26 -6.60 21.03
N ALA A 54 1.38 -6.44 20.35
CA ALA A 54 1.39 -6.21 18.91
C ALA A 54 0.70 -7.35 18.16
N GLU A 55 1.06 -8.58 18.50
CA GLU A 55 0.45 -9.74 17.84
C GLU A 55 -1.03 -9.88 18.19
N LEU A 56 -1.39 -9.46 19.40
CA LEU A 56 -2.80 -9.49 19.80
C LEU A 56 -3.60 -8.47 18.99
N MET A 57 -2.97 -7.34 18.69
CA MET A 57 -3.63 -6.31 17.89
C MET A 57 -3.80 -6.80 16.46
N GLU A 58 -2.74 -7.41 15.92
CA GLU A 58 -2.82 -8.02 14.59
C GLU A 58 -3.97 -9.03 14.53
N LYS A 59 -4.05 -9.84 15.57
CA LYS A 59 -5.10 -10.85 15.69
C LYS A 59 -6.48 -10.21 15.69
N ALA A 60 -6.67 -9.19 16.53
CA ALA A 60 -7.96 -8.51 16.62
C ALA A 60 -8.36 -7.88 15.28
N ALA A 61 -7.40 -7.29 14.59
CA ALA A 61 -7.67 -6.68 13.29
C ALA A 61 -8.10 -7.73 12.27
N ASN A 62 -7.40 -8.87 12.25
CA ASN A 62 -7.79 -9.93 11.34
C ASN A 62 -9.18 -10.50 11.67
N GLN A 63 -9.48 -10.65 12.97
CA GLN A 63 -10.81 -11.07 13.41
C GLN A 63 -11.88 -10.12 12.90
N LEU A 64 -11.63 -8.82 13.09
CA LEU A 64 -12.56 -7.80 12.65
C LEU A 64 -12.78 -7.88 11.14
N PHE A 65 -11.70 -8.03 10.39
CA PHE A 65 -11.85 -8.07 8.94
C PHE A 65 -12.57 -9.34 8.48
N THR A 66 -12.40 -10.42 9.23
CA THR A 66 -13.13 -11.65 8.97
C THR A 66 -14.62 -11.41 9.19
N VAL A 67 -14.96 -10.73 10.28
CA VAL A 67 -16.36 -10.40 10.53
C VAL A 67 -16.93 -9.47 9.45
N LEU A 68 -16.13 -8.50 9.01
CA LEU A 68 -16.49 -7.65 7.90
C LEU A 68 -16.81 -8.48 6.66
N GLY A 69 -15.97 -9.48 6.39
CA GLY A 69 -16.22 -10.36 5.25
C GLY A 69 -17.51 -11.14 5.40
N GLU A 70 -17.77 -11.62 6.62
CA GLU A 70 -19.02 -12.32 6.91
C GLU A 70 -20.25 -11.45 6.65
N LEU A 71 -20.21 -10.22 7.15
CA LEU A 71 -21.40 -9.35 7.10
C LEU A 71 -21.61 -8.66 5.75
N LYS A 72 -20.52 -8.36 5.05
CA LYS A 72 -20.61 -7.55 3.84
C LYS A 72 -20.35 -8.35 2.57
N GLY A 73 -19.89 -9.59 2.71
CA GLY A 73 -19.49 -10.39 1.57
C GLY A 73 -20.02 -11.83 1.53
N GLY A 74 -19.57 -12.65 2.47
CA GLY A 74 -19.89 -14.06 2.46
C GLY A 74 -21.33 -14.40 2.78
N ALA A 75 -21.99 -13.51 3.52
CA ALA A 75 -23.39 -13.66 3.92
C ALA A 75 -23.61 -14.87 4.82
N MET A 76 -22.54 -15.37 5.42
CA MET A 76 -22.65 -16.31 6.51
C MET A 76 -21.35 -16.31 7.29
N LYS A 77 -21.37 -16.88 8.49
CA LYS A 77 -20.19 -16.95 9.33
C LYS A 77 -19.17 -17.85 8.66
N VAL A 78 -17.89 -17.56 8.88
CA VAL A 78 -16.83 -18.26 8.16
C VAL A 78 -16.84 -19.76 8.47
N GLY A 79 -17.23 -20.15 9.67
CA GLY A 79 -17.28 -21.56 10.02
C GLY A 79 -18.36 -22.33 9.26
N GLN A 80 -19.54 -21.73 9.19
CA GLN A 80 -20.66 -22.31 8.44
C GLN A 80 -20.29 -22.42 6.95
N ALA A 81 -19.68 -21.36 6.45
CA ALA A 81 -19.26 -21.32 5.06
C ALA A 81 -18.25 -22.42 4.81
N LEU A 82 -17.37 -22.64 5.78
CA LEU A 82 -16.35 -23.65 5.68
C LEU A 82 -16.98 -25.04 5.63
N SER A 83 -18.01 -25.27 6.44
CA SER A 83 -18.70 -26.56 6.41
C SER A 83 -19.32 -26.79 5.02
N VAL A 84 -20.00 -25.76 4.51
CA VAL A 84 -20.55 -25.86 3.15
C VAL A 84 -19.45 -26.18 2.13
N MET A 85 -18.33 -25.48 2.22
CA MET A 85 -17.22 -25.61 1.28
C MET A 85 -16.62 -27.01 1.30
N GLU A 86 -16.42 -27.53 2.50
CA GLU A 86 -15.85 -28.85 2.65
C GLU A 86 -16.81 -29.89 2.11
N ALA A 87 -18.12 -29.69 2.30
CA ALA A 87 -19.07 -30.62 1.67
C ALA A 87 -19.08 -30.50 0.14
N ALA A 88 -18.88 -29.29 -0.37
CA ALA A 88 -19.14 -29.00 -1.79
C ALA A 88 -17.89 -28.97 -2.66
N ILE A 89 -16.74 -29.21 -2.04
CA ILE A 89 -15.48 -29.27 -2.76
C ILE A 89 -14.90 -30.68 -2.60
N PRO A 90 -14.67 -31.37 -3.73
CA PRO A 90 -14.19 -32.76 -3.74
C PRO A 90 -12.95 -32.97 -2.89
N ASP A 91 -12.91 -34.10 -2.18
CA ASP A 91 -11.76 -34.48 -1.38
C ASP A 91 -10.49 -34.58 -2.22
N GLU A 92 -10.67 -34.98 -3.48
CA GLU A 92 -9.55 -35.21 -4.38
C GLU A 92 -8.73 -33.96 -4.67
N PHE A 93 -9.32 -32.78 -4.46
CA PHE A 93 -8.60 -31.53 -4.68
C PHE A 93 -7.72 -31.18 -3.48
N GLY A 94 -7.85 -31.97 -2.42
CA GLY A 94 -7.15 -31.70 -1.18
C GLY A 94 -5.65 -31.90 -1.25
N GLU A 95 -5.23 -33.05 -1.79
CA GLU A 95 -3.80 -33.39 -1.86
C GLU A 95 -2.99 -32.58 -2.87
N PRO A 96 -3.51 -32.37 -4.11
CA PRO A 96 -2.76 -31.48 -5.01
C PRO A 96 -2.53 -30.09 -4.42
N TYR A 97 -3.48 -29.63 -3.63
CA TYR A 97 -3.33 -28.38 -2.88
C TYR A 97 -2.17 -28.49 -1.91
N ARG A 98 -2.16 -29.52 -1.10
CA ARG A 98 -1.19 -29.72 -0.02
C ARG A 98 0.26 -29.82 -0.50
N GLU A 99 0.42 -30.55 -1.58
CA GLU A 99 1.75 -30.83 -2.09
C GLU A 99 2.43 -29.55 -2.49
N ALA A 100 1.62 -28.73 -3.16
CA ALA A 100 2.06 -27.48 -3.69
C ALA A 100 2.52 -26.59 -2.56
N LEU A 101 1.77 -26.56 -1.47
CA LEU A 101 2.18 -25.78 -0.33
C LEU A 101 3.52 -26.30 0.24
N THR A 102 3.70 -27.61 0.19
CA THR A 102 4.90 -28.26 0.70
C THR A 102 6.15 -27.90 -0.04
N LYS A 103 6.09 -27.77 -1.34
CA LYS A 103 7.29 -27.49 -2.04
C LYS A 103 7.80 -26.16 -1.54
N LEU A 104 6.89 -25.27 -1.19
CA LEU A 104 7.36 -24.05 -0.49
C LEU A 104 7.96 -24.25 0.92
N GLN A 105 7.42 -25.15 1.76
CA GLN A 105 7.90 -25.26 3.14
C GLN A 105 9.31 -25.78 3.18
N LYS A 106 9.68 -26.47 2.14
CA LYS A 106 11.01 -27.04 2.07
C LYS A 106 12.04 -25.93 1.88
N ASP A 107 13.27 -26.15 2.34
CA ASP A 107 14.33 -25.16 2.12
C ASP A 107 13.91 -23.79 2.61
N ALA A 108 13.44 -23.74 3.85
CA ALA A 108 12.95 -22.52 4.50
C ALA A 108 14.00 -21.44 4.71
N PRO A 109 13.58 -20.19 4.58
CA PRO A 109 14.54 -19.08 4.51
C PRO A 109 15.61 -19.13 5.60
N PRO A 110 16.87 -18.80 5.25
CA PRO A 110 17.22 -18.40 3.88
C PRO A 110 17.49 -19.58 2.95
N LEU A 111 17.29 -19.37 1.67
CA LEU A 111 17.59 -20.37 0.67
C LEU A 111 19.08 -20.65 0.60
N PRO A 112 19.46 -21.91 0.46
CA PRO A 112 20.88 -22.25 0.28
C PRO A 112 21.43 -21.67 -1.03
N ALA A 113 22.74 -21.49 -1.10
CA ALA A 113 23.38 -20.92 -2.28
C ALA A 113 23.00 -21.64 -3.57
N SER A 114 23.08 -22.97 -3.55
CA SER A 114 22.79 -23.78 -4.73
C SER A 114 21.43 -23.48 -5.36
N LYS A 115 20.43 -23.23 -4.52
CA LYS A 115 19.08 -23.00 -5.02
C LYS A 115 18.86 -21.59 -5.52
N VAL A 116 19.54 -20.64 -4.87
CA VAL A 116 19.62 -19.29 -5.39
C VAL A 116 20.16 -19.36 -6.81
N HIS A 117 21.27 -20.11 -6.95
CA HIS A 117 21.92 -20.26 -8.24
C HIS A 117 21.01 -20.95 -9.23
N ARG A 118 20.18 -21.88 -8.76
CA ARG A 118 19.25 -22.57 -9.65
C ARG A 118 18.16 -21.63 -10.16
N VAL A 119 17.64 -20.78 -9.28
CA VAL A 119 16.64 -19.80 -9.70
C VAL A 119 17.26 -18.86 -10.73
N LEU A 120 18.48 -18.41 -10.45
CA LEU A 120 19.20 -17.56 -11.38
C LEU A 120 19.39 -18.27 -12.72
N ASP A 121 19.70 -19.56 -12.68
CA ASP A 121 19.80 -20.37 -13.90
C ASP A 121 18.53 -20.28 -14.69
N GLY A 122 17.40 -20.45 -13.99
CA GLY A 122 16.11 -20.44 -14.63
C GLY A 122 15.74 -19.10 -15.26
N GLN A 123 16.09 -18.01 -14.60
CA GLN A 123 15.64 -16.69 -15.06
C GLN A 123 16.60 -15.99 -16.02
N LEU A 124 17.90 -16.13 -15.77
CA LEU A 124 18.91 -15.41 -16.54
C LEU A 124 19.80 -16.35 -17.36
N GLY A 125 19.53 -17.66 -17.28
CA GLY A 125 20.34 -18.63 -18.00
C GLY A 125 21.50 -19.13 -17.15
N THR A 126 22.04 -20.29 -17.51
CA THR A 126 23.10 -20.93 -16.73
C THR A 126 24.42 -20.14 -16.75
N LYS A 127 24.52 -19.17 -17.64
CA LYS A 127 25.71 -18.31 -17.68
C LYS A 127 25.46 -16.97 -17.00
N TRP A 128 24.51 -16.95 -16.07
CA TRP A 128 24.12 -15.70 -15.42
C TRP A 128 25.29 -14.99 -14.73
N ARG A 129 26.29 -15.74 -14.30
CA ARG A 129 27.44 -15.15 -13.58
C ARG A 129 28.17 -14.13 -14.43
N GLU A 130 28.08 -14.28 -15.75
CA GLU A 130 28.72 -13.35 -16.69
C GLU A 130 28.06 -11.98 -16.69
N ARG A 131 26.84 -11.89 -16.14
CA ARG A 131 26.16 -10.60 -16.02
C ARG A 131 26.70 -9.81 -14.83
N PHE A 132 27.43 -10.50 -13.96
CA PHE A 132 27.91 -9.88 -12.73
C PHE A 132 29.42 -9.76 -12.70
N SER A 133 29.92 -8.76 -11.98
CA SER A 133 31.32 -8.69 -11.58
C SER A 133 31.54 -9.59 -10.36
N SER A 134 30.61 -9.54 -9.41
CA SER A 134 30.61 -10.46 -8.27
C SER A 134 29.20 -10.61 -7.71
N PHE A 135 28.98 -11.68 -6.95
CA PHE A 135 27.67 -11.99 -6.37
C PHE A 135 27.83 -12.56 -4.96
N ASN A 136 27.18 -11.96 -3.98
CA ASN A 136 27.26 -12.44 -2.61
C ASN A 136 26.16 -13.47 -2.32
N ASP A 137 26.58 -14.71 -2.08
CA ASP A 137 25.66 -15.83 -1.85
C ASP A 137 24.85 -15.70 -0.55
N THR A 138 25.29 -14.85 0.35
CA THR A 138 24.59 -14.65 1.62
C THR A 138 23.64 -13.47 1.51
N PRO A 139 22.33 -13.72 1.61
CA PRO A 139 21.33 -12.65 1.46
C PRO A 139 21.45 -11.60 2.55
N VAL A 140 21.10 -10.37 2.21
CA VAL A 140 21.15 -9.26 3.14
C VAL A 140 19.77 -8.93 3.69
N ALA A 141 18.74 -9.52 3.09
CA ALA A 141 17.37 -9.22 3.49
C ALA A 141 16.37 -10.24 2.99
N SER A 142 15.18 -10.20 3.59
CA SER A 142 14.07 -11.03 3.15
C SER A 142 13.05 -10.18 2.41
N ALA A 143 12.39 -10.79 1.43
CA ALA A 143 11.29 -10.16 0.72
C ALA A 143 10.04 -11.00 0.93
N SER A 144 8.93 -10.54 0.36
CA SER A 144 7.64 -11.20 0.52
C SER A 144 7.73 -12.71 0.28
N ILE A 145 8.07 -13.10 -0.95
CA ILE A 145 8.23 -14.50 -1.28
C ILE A 145 9.60 -14.76 -1.91
N GLY A 146 10.64 -14.19 -1.31
CA GLY A 146 12.00 -14.36 -1.80
C GLY A 146 13.03 -13.73 -0.89
N GLN A 147 14.25 -13.58 -1.39
CA GLN A 147 15.30 -12.95 -0.60
C GLN A 147 16.19 -12.05 -1.47
N VAL A 148 16.83 -11.08 -0.83
CA VAL A 148 17.61 -10.09 -1.55
C VAL A 148 19.10 -10.28 -1.32
N HIS A 149 19.87 -10.25 -2.41
CA HIS A 149 21.32 -10.38 -2.34
C HIS A 149 21.97 -9.09 -2.80
N LYS A 150 23.14 -8.79 -2.23
CA LYS A 150 23.91 -7.67 -2.74
C LYS A 150 24.91 -8.22 -3.75
N ALA A 151 25.15 -7.47 -4.81
CA ALA A 151 26.07 -7.91 -5.84
C ALA A 151 26.66 -6.72 -6.56
N ILE A 152 27.61 -6.98 -7.45
CA ILE A 152 28.16 -5.95 -8.32
C ILE A 152 27.89 -6.33 -9.76
N TRP A 153 27.24 -5.43 -10.51
CA TRP A 153 26.90 -5.70 -11.90
C TRP A 153 28.17 -5.69 -12.76
N SER A 154 28.08 -6.23 -13.97
CA SER A 154 29.26 -6.30 -14.84
C SER A 154 29.82 -4.91 -15.16
N ASP A 155 29.01 -3.86 -15.04
CA ASP A 155 29.50 -2.51 -15.33
C ASP A 155 30.10 -1.83 -14.10
N GLY A 156 30.18 -2.56 -13.00
CA GLY A 156 30.80 -2.04 -11.79
C GLY A 156 29.84 -1.43 -10.78
N ARG A 157 28.56 -1.33 -11.13
CA ARG A 157 27.55 -0.81 -10.24
C ARG A 157 27.13 -1.84 -9.19
N GLU A 158 26.97 -1.38 -7.95
CA GLU A 158 26.39 -2.23 -6.91
C GLU A 158 24.88 -2.35 -7.12
N VAL A 159 24.36 -3.56 -6.96
CA VAL A 159 22.94 -3.83 -7.16
C VAL A 159 22.34 -4.72 -6.08
N ALA A 160 21.04 -4.55 -5.87
CA ALA A 160 20.22 -5.51 -5.15
C ALA A 160 19.57 -6.47 -6.14
N VAL A 161 19.68 -7.76 -5.83
CA VAL A 161 19.10 -8.82 -6.63
C VAL A 161 18.04 -9.56 -5.81
N LYS A 162 16.78 -9.39 -6.18
CA LYS A 162 15.71 -10.12 -5.52
C LYS A 162 15.40 -11.42 -6.25
N ILE A 163 15.56 -12.50 -5.49
CA ILE A 163 15.36 -13.87 -5.95
C ILE A 163 14.09 -14.44 -5.34
N GLN A 164 13.15 -14.88 -6.16
CA GLN A 164 11.93 -15.50 -5.66
C GLN A 164 12.19 -16.94 -5.22
N TYR A 165 11.56 -17.34 -4.11
CA TYR A 165 11.66 -18.73 -3.64
C TYR A 165 11.08 -19.67 -4.69
N PRO A 166 11.79 -20.75 -5.01
CA PRO A 166 11.42 -21.68 -6.09
C PRO A 166 10.01 -22.30 -5.94
N GLY A 167 9.55 -22.50 -4.71
CA GLY A 167 8.25 -23.10 -4.50
C GLY A 167 7.08 -22.12 -4.42
N ALA A 168 7.36 -20.83 -4.59
CA ALA A 168 6.36 -19.79 -4.37
C ALA A 168 5.27 -19.76 -5.44
N ASP A 169 5.65 -19.96 -6.70
CA ASP A 169 4.72 -19.85 -7.80
C ASP A 169 3.61 -20.91 -7.70
N GLU A 170 4.05 -22.16 -7.53
CA GLU A 170 3.13 -23.29 -7.46
C GLU A 170 2.20 -23.15 -6.26
N ALA A 171 2.77 -22.76 -5.13
CA ALA A 171 2.02 -22.64 -3.89
C ALA A 171 0.97 -21.53 -3.99
N LEU A 172 1.39 -20.35 -4.44
CA LEU A 172 0.45 -19.23 -4.53
C LEU A 172 -0.63 -19.48 -5.59
N ARG A 173 -0.28 -20.16 -6.68
CA ARG A 173 -1.30 -20.44 -7.69
C ARG A 173 -2.28 -21.51 -7.21
N ALA A 174 -1.80 -22.50 -6.45
CA ALA A 174 -2.70 -23.50 -5.87
C ALA A 174 -3.65 -22.83 -4.87
N ASP A 175 -3.10 -21.90 -4.09
CA ASP A 175 -3.89 -21.15 -3.11
C ASP A 175 -4.98 -20.33 -3.82
N LEU A 176 -4.58 -19.68 -4.91
CA LEU A 176 -5.52 -18.92 -5.72
C LEU A 176 -6.64 -19.82 -6.25
N LYS A 177 -6.27 -20.99 -6.75
CA LYS A 177 -7.27 -21.92 -7.29
C LYS A 177 -8.27 -22.32 -6.20
N THR A 178 -7.74 -22.64 -5.01
CA THR A 178 -8.60 -23.02 -3.89
C THR A 178 -9.58 -21.89 -3.54
N MET A 179 -9.06 -20.67 -3.45
CA MET A 179 -9.92 -19.57 -3.10
C MET A 179 -10.94 -19.25 -4.20
N GLN A 180 -10.59 -19.53 -5.46
CA GLN A 180 -11.54 -19.39 -6.56
C GLN A 180 -12.69 -20.37 -6.40
N ARG A 181 -12.34 -21.63 -6.12
CA ARG A 181 -13.37 -22.64 -5.86
C ARG A 181 -14.30 -22.22 -4.72
N MET A 182 -13.70 -21.69 -3.66
CA MET A 182 -14.47 -21.25 -2.50
C MET A 182 -15.40 -20.08 -2.84
N VAL A 183 -14.91 -19.14 -3.65
CA VAL A 183 -15.77 -18.06 -4.11
C VAL A 183 -16.94 -18.63 -4.89
N GLY A 184 -16.69 -19.63 -5.75
CA GLY A 184 -17.77 -20.27 -6.49
C GLY A 184 -18.81 -20.87 -5.55
N VAL A 185 -18.32 -21.51 -4.48
CA VAL A 185 -19.23 -22.10 -3.49
C VAL A 185 -20.10 -21.01 -2.87
N LEU A 186 -19.51 -19.90 -2.47
CA LEU A 186 -20.30 -18.81 -1.88
C LEU A 186 -21.32 -18.26 -2.87
N LYS A 187 -20.89 -18.01 -4.10
CA LYS A 187 -21.76 -17.43 -5.12
C LYS A 187 -22.95 -18.32 -5.37
N GLN A 188 -22.73 -19.63 -5.46
CA GLN A 188 -23.84 -20.52 -5.77
C GLN A 188 -24.73 -20.86 -4.56
N LEU A 189 -24.13 -21.00 -3.38
CA LEU A 189 -24.86 -21.62 -2.27
C LEU A 189 -25.04 -20.75 -1.03
N SER A 190 -24.41 -19.57 -0.98
CA SER A 190 -24.63 -18.68 0.14
C SER A 190 -25.59 -17.57 -0.26
N PRO A 191 -26.84 -17.64 0.23
CA PRO A 191 -27.89 -16.72 -0.19
C PRO A 191 -27.51 -15.28 0.12
N GLY A 192 -27.55 -14.42 -0.90
CA GLY A 192 -27.26 -13.01 -0.70
C GLY A 192 -25.79 -12.65 -0.69
N ALA A 193 -24.92 -13.62 -0.96
CA ALA A 193 -23.49 -13.35 -0.99
C ALA A 193 -23.13 -12.30 -2.04
N ASP A 194 -22.23 -11.40 -1.68
CA ASP A 194 -21.67 -10.43 -2.61
C ASP A 194 -20.20 -10.72 -2.81
N VAL A 195 -19.87 -11.41 -3.91
CA VAL A 195 -18.48 -11.74 -4.22
C VAL A 195 -18.02 -11.08 -5.53
N GLN A 196 -18.71 -10.04 -5.95
CA GLN A 196 -18.35 -9.33 -7.18
C GLN A 196 -16.96 -8.73 -7.11
N GLY A 197 -16.18 -8.97 -8.17
CA GLY A 197 -14.83 -8.45 -8.27
C GLY A 197 -13.79 -9.16 -7.43
N VAL A 198 -14.21 -10.15 -6.63
CA VAL A 198 -13.30 -10.78 -5.67
C VAL A 198 -12.26 -11.69 -6.35
N VAL A 199 -12.72 -12.55 -7.27
CA VAL A 199 -11.79 -13.41 -8.00
C VAL A 199 -10.79 -12.57 -8.80
N ASP A 200 -11.27 -11.52 -9.46
CA ASP A 200 -10.38 -10.61 -10.20
C ASP A 200 -9.31 -10.03 -9.29
N GLU A 201 -9.72 -9.58 -8.11
CA GLU A 201 -8.78 -9.01 -7.16
C GLU A 201 -7.74 -10.05 -6.72
N LEU A 202 -8.20 -11.27 -6.45
CA LEU A 202 -7.29 -12.36 -6.05
C LEU A 202 -6.26 -12.66 -7.14
N VAL A 203 -6.73 -12.78 -8.38
CA VAL A 203 -5.85 -13.05 -9.51
C VAL A 203 -4.82 -11.93 -9.67
N GLU A 204 -5.29 -10.69 -9.61
CA GLU A 204 -4.43 -9.52 -9.74
C GLU A 204 -3.33 -9.49 -8.66
N ARG A 205 -3.73 -9.65 -7.40
CA ARG A 205 -2.77 -9.69 -6.29
C ARG A 205 -1.75 -10.81 -6.49
N THR A 206 -2.24 -12.00 -6.85
CA THR A 206 -1.36 -13.15 -7.02
C THR A 206 -0.32 -12.87 -8.11
N GLU A 207 -0.77 -12.33 -9.22
CA GLU A 207 0.11 -12.03 -10.34
C GLU A 207 1.13 -10.98 -9.95
N MET A 208 0.70 -9.99 -9.17
CA MET A 208 1.61 -8.96 -8.68
C MET A 208 2.69 -9.55 -7.78
N GLU A 209 2.33 -10.54 -6.96
CA GLU A 209 3.32 -11.18 -6.11
C GLU A 209 4.29 -12.07 -6.91
N LEU A 210 3.77 -12.74 -7.94
CA LEU A 210 4.55 -13.78 -8.62
C LEU A 210 5.40 -13.31 -9.80
N ASP A 211 5.00 -12.23 -10.46
CA ASP A 211 5.72 -11.76 -11.64
C ASP A 211 6.41 -10.41 -11.38
N TYR A 212 7.71 -10.47 -11.08
CA TYR A 212 8.49 -9.30 -10.66
C TYR A 212 8.55 -8.21 -11.76
N ARG A 213 8.27 -8.61 -13.00
CA ARG A 213 8.33 -7.68 -14.12
C ARG A 213 7.32 -6.53 -14.01
N LEU A 214 6.17 -6.77 -13.38
CA LEU A 214 5.12 -5.74 -13.26
C LEU A 214 5.59 -4.55 -12.39
N GLU A 215 6.00 -4.88 -11.18
CA GLU A 215 6.59 -3.88 -10.30
C GLU A 215 7.81 -3.28 -10.96
N ALA A 216 8.59 -4.09 -11.70
CA ALA A 216 9.74 -3.54 -12.40
C ALA A 216 9.34 -2.42 -13.38
N ALA A 217 8.26 -2.62 -14.13
CA ALA A 217 7.78 -1.59 -15.06
C ALA A 217 7.31 -0.32 -14.33
N ASN A 218 6.55 -0.52 -13.26
CA ASN A 218 6.18 0.64 -12.42
C ASN A 218 7.43 1.45 -11.99
N GLN A 219 8.39 0.71 -11.44
CA GLN A 219 9.62 1.30 -10.95
C GLN A 219 10.36 2.02 -12.07
N ARG A 220 10.31 1.48 -13.28
CA ARG A 220 10.97 2.12 -14.42
C ARG A 220 10.34 3.47 -14.71
N ALA A 221 9.01 3.52 -14.72
CA ALA A 221 8.34 4.81 -14.91
C ALA A 221 8.81 5.82 -13.86
N PHE A 222 8.85 5.39 -12.60
CA PHE A 222 9.30 6.31 -11.56
C PHE A 222 10.77 6.73 -11.66
N ALA A 223 11.63 5.78 -12.04
CA ALA A 223 13.06 6.00 -12.11
C ALA A 223 13.36 6.99 -13.21
N LYS A 224 12.59 6.87 -14.30
CA LYS A 224 12.70 7.84 -15.38
C LYS A 224 12.24 9.21 -14.90
N ALA A 225 11.08 9.26 -14.26
CA ALA A 225 10.53 10.55 -13.85
C ALA A 225 11.43 11.31 -12.86
N TYR A 226 12.04 10.59 -11.92
CA TYR A 226 12.76 11.26 -10.83
C TYR A 226 14.28 11.21 -10.95
N HIS A 227 14.77 10.88 -12.14
CA HIS A 227 16.21 10.92 -12.39
C HIS A 227 16.74 12.33 -12.14
N ASP A 228 17.79 12.42 -11.32
CA ASP A 228 18.43 13.68 -10.94
C ASP A 228 17.50 14.67 -10.22
N HIS A 229 16.47 14.16 -9.58
CA HIS A 229 15.60 15.01 -8.77
C HIS A 229 16.34 15.42 -7.50
N PRO A 230 16.22 16.70 -7.11
CA PRO A 230 16.97 17.17 -5.94
C PRO A 230 16.49 16.58 -4.60
N ARG A 231 15.34 15.92 -4.57
CA ARG A 231 14.83 15.45 -3.28
C ARG A 231 14.42 13.97 -3.25
N PHE A 232 14.21 13.37 -4.41
CA PHE A 232 13.81 11.97 -4.47
C PHE A 232 14.77 11.12 -5.28
N GLN A 233 15.08 9.93 -4.77
CA GLN A 233 15.98 9.02 -5.46
C GLN A 233 15.30 7.68 -5.69
N VAL A 234 15.15 7.34 -6.97
CA VAL A 234 14.57 6.05 -7.36
C VAL A 234 15.63 5.25 -8.09
N PRO A 235 16.03 4.09 -7.54
CA PRO A 235 17.06 3.28 -8.18
C PRO A 235 16.59 2.72 -9.51
N HIS A 236 17.47 2.68 -10.50
CA HIS A 236 17.12 2.19 -11.82
C HIS A 236 17.01 0.68 -11.80
N VAL A 237 16.09 0.16 -12.60
CA VAL A 237 15.97 -1.27 -12.79
C VAL A 237 17.08 -1.72 -13.73
N VAL A 238 17.91 -2.64 -13.25
CA VAL A 238 19.05 -3.10 -14.03
C VAL A 238 18.63 -4.29 -14.88
N ALA A 239 17.84 -5.21 -14.30
CA ALA A 239 17.30 -6.32 -15.08
C ALA A 239 16.01 -6.81 -14.46
N SER A 240 15.13 -7.38 -15.27
CA SER A 240 13.88 -7.92 -14.72
C SER A 240 13.43 -9.20 -15.41
N ALA A 241 13.00 -10.14 -14.58
CA ALA A 241 12.49 -11.42 -15.04
C ALA A 241 11.36 -11.77 -14.08
N PRO A 242 10.53 -12.77 -14.43
CA PRO A 242 9.43 -13.12 -13.52
C PRO A 242 9.87 -13.39 -12.08
N LYS A 243 11.00 -14.06 -11.90
CA LYS A 243 11.40 -14.50 -10.57
C LYS A 243 12.71 -13.89 -10.07
N VAL A 244 13.29 -12.99 -10.87
CA VAL A 244 14.50 -12.28 -10.46
C VAL A 244 14.38 -10.83 -10.90
N VAL A 245 14.60 -9.89 -9.98
CA VAL A 245 14.62 -8.50 -10.38
C VAL A 245 15.85 -7.82 -9.76
N ILE A 246 16.51 -6.99 -10.56
CA ILE A 246 17.77 -6.40 -10.16
C ILE A 246 17.71 -4.90 -10.33
N GLN A 247 18.06 -4.18 -9.27
CA GLN A 247 18.05 -2.71 -9.29
C GLN A 247 19.29 -2.14 -8.63
N GLU A 248 19.59 -0.88 -8.91
CA GLU A 248 20.73 -0.19 -8.31
C GLU A 248 20.66 -0.20 -6.79
N TRP A 249 21.81 -0.38 -6.15
CA TRP A 249 21.87 -0.42 -4.69
C TRP A 249 21.92 0.98 -4.11
N ILE A 250 21.07 1.27 -3.13
CA ILE A 250 21.20 2.56 -2.44
C ILE A 250 21.22 2.40 -0.92
N GLU A 251 22.11 3.14 -0.27
CA GLU A 251 22.34 3.03 1.17
C GLU A 251 21.74 4.24 1.87
N GLY A 252 20.89 4.02 2.87
CA GLY A 252 20.26 5.09 3.61
C GLY A 252 19.81 4.68 4.99
N VAL A 253 19.22 5.62 5.71
CA VAL A 253 18.58 5.31 6.98
C VAL A 253 17.13 4.94 6.71
N PRO A 254 16.74 3.70 7.04
CA PRO A 254 15.35 3.27 6.83
C PRO A 254 14.36 4.14 7.59
N MET A 255 13.24 4.43 6.96
CA MET A 255 12.22 5.25 7.60
C MET A 255 11.76 4.62 8.91
N ALA A 256 11.74 3.29 8.99
CA ALA A 256 11.33 2.63 10.24
C ALA A 256 12.26 3.01 11.39
N GLU A 257 13.56 3.08 11.07
CA GLU A 257 14.56 3.48 12.04
C GLU A 257 14.34 4.92 12.49
N ILE A 258 14.00 5.79 11.56
CA ILE A 258 13.71 7.18 11.89
C ILE A 258 12.45 7.28 12.77
N ILE A 259 11.47 6.44 12.49
CA ILE A 259 10.25 6.39 13.30
C ILE A 259 10.60 5.99 14.73
N ARG A 260 11.49 5.02 14.90
CA ARG A 260 11.87 4.60 16.25
C ARG A 260 12.79 5.58 17.01
N HIS A 261 13.87 6.01 16.35
CA HIS A 261 14.97 6.72 17.01
C HIS A 261 15.42 7.99 16.27
N GLY A 262 14.66 8.41 15.27
CA GLY A 262 15.07 9.53 14.45
C GLY A 262 15.22 10.83 15.23
N THR A 263 16.13 11.70 14.79
CA THR A 263 16.17 13.04 15.35
C THR A 263 14.95 13.81 14.84
N THR A 264 14.61 14.89 15.52
CA THR A 264 13.52 15.76 15.08
C THR A 264 13.67 16.17 13.61
N GLU A 265 14.88 16.51 13.22
CA GLU A 265 15.16 16.96 11.86
C GLU A 265 15.02 15.84 10.82
N GLN A 266 15.46 14.63 11.18
CA GLN A 266 15.26 13.46 10.32
C GLN A 266 13.77 13.19 10.10
N ARG A 267 13.02 13.20 11.21
CA ARG A 267 11.58 12.95 11.18
C ARG A 267 10.85 13.97 10.31
N ASP A 268 11.11 15.25 10.58
CA ASP A 268 10.50 16.34 9.82
C ASP A 268 10.85 16.23 8.34
N LEU A 269 12.12 15.97 8.07
CA LEU A 269 12.58 15.95 6.68
C LEU A 269 11.94 14.80 5.90
N ILE A 270 12.08 13.57 6.39
CA ILE A 270 11.57 12.46 5.59
C ILE A 270 10.04 12.48 5.55
N GLY A 271 9.40 12.98 6.61
CA GLY A 271 7.95 13.14 6.58
C GLY A 271 7.51 14.14 5.51
N THR A 272 8.20 15.26 5.46
CA THR A 272 7.90 16.29 4.47
C THR A 272 8.15 15.77 3.05
N LEU A 273 9.20 14.99 2.88
CA LEU A 273 9.51 14.40 1.59
C LEU A 273 8.42 13.41 1.17
N LEU A 274 7.96 12.57 2.09
CA LEU A 274 6.87 11.63 1.78
C LEU A 274 5.58 12.36 1.38
N ALA A 275 5.25 13.39 2.17
CA ALA A 275 4.09 14.22 1.87
C ALA A 275 4.22 14.79 0.47
N GLU A 276 5.42 15.29 0.13
CA GLU A 276 5.62 15.89 -1.18
C GLU A 276 5.47 14.85 -2.28
N LEU A 277 6.12 13.71 -2.14
CA LEU A 277 6.02 12.63 -3.14
C LEU A 277 4.58 12.27 -3.42
N THR A 278 3.79 12.20 -2.36
CA THR A 278 2.39 11.82 -2.46
C THR A 278 1.62 12.66 -3.47
N PHE A 279 1.90 13.96 -3.53
CA PHE A 279 1.15 14.83 -4.43
C PHE A 279 1.92 15.18 -5.70
N ASP A 280 3.23 15.03 -5.64
CA ASP A 280 4.07 15.32 -6.78
C ASP A 280 3.95 14.23 -7.81
N ALA A 281 3.95 12.96 -7.39
CA ALA A 281 3.96 11.88 -8.36
C ALA A 281 2.75 11.91 -9.34
N PRO A 282 1.52 12.08 -8.83
CA PRO A 282 0.44 12.10 -9.84
C PRO A 282 0.50 13.33 -10.75
N ARG A 283 1.03 14.43 -10.24
CA ARG A 283 1.20 15.64 -11.02
C ARG A 283 2.30 15.44 -12.06
N ARG A 284 3.35 14.71 -11.69
CA ARG A 284 4.53 14.57 -12.53
C ARG A 284 4.41 13.47 -13.59
N LEU A 285 3.85 12.32 -13.23
CA LEU A 285 3.80 11.22 -14.19
C LEU A 285 2.49 10.45 -14.18
N GLY A 286 1.44 11.04 -13.59
CA GLY A 286 0.12 10.44 -13.63
C GLY A 286 0.00 9.15 -12.87
N LEU A 287 0.85 8.99 -11.87
CA LEU A 287 0.80 7.81 -11.02
C LEU A 287 0.92 8.22 -9.57
N MET A 288 0.33 7.44 -8.68
CA MET A 288 0.59 7.62 -7.27
C MET A 288 1.49 6.48 -6.83
N HIS A 289 2.47 6.76 -5.97
CA HIS A 289 3.33 5.69 -5.49
C HIS A 289 2.50 4.61 -4.80
N GLY A 290 1.36 4.98 -4.26
CA GLY A 290 0.39 3.99 -3.81
C GLY A 290 0.42 3.77 -2.31
N ASP A 291 -0.25 2.70 -1.85
CA ASP A 291 -0.24 2.32 -0.44
C ASP A 291 1.18 2.35 0.11
N ALA A 292 1.37 3.14 1.15
CA ALA A 292 2.70 3.43 1.68
C ALA A 292 3.02 2.58 2.90
N HIS A 293 4.28 2.20 3.01
CA HIS A 293 4.79 1.47 4.16
C HIS A 293 6.22 1.94 4.39
N PRO A 294 6.61 2.09 5.67
CA PRO A 294 7.94 2.64 5.98
C PRO A 294 9.09 1.84 5.36
N GLY A 295 8.88 0.54 5.13
CA GLY A 295 9.86 -0.26 4.42
C GLY A 295 10.16 0.22 3.01
N ASN A 296 9.25 1.01 2.42
CA ASN A 296 9.44 1.53 1.06
C ASN A 296 10.47 2.65 0.95
N PHE A 297 10.82 3.27 2.08
CA PHE A 297 11.51 4.56 2.04
C PHE A 297 12.75 4.63 2.92
N MET A 298 13.68 5.51 2.54
CA MET A 298 14.84 5.76 3.37
C MET A 298 15.34 7.20 3.25
N LEU A 299 16.11 7.66 4.23
CA LEU A 299 16.73 8.97 4.16
C LEU A 299 18.19 8.83 3.76
N LEU A 300 18.55 9.39 2.62
CA LEU A 300 19.91 9.31 2.09
C LEU A 300 20.79 10.38 2.73
N PRO A 301 22.13 10.18 2.68
CA PRO A 301 23.07 11.14 3.29
C PRO A 301 22.88 12.57 2.80
N ASP A 302 22.49 12.75 1.54
CA ASP A 302 22.35 14.08 0.97
C ASP A 302 20.96 14.69 1.22
N GLY A 303 20.17 14.03 2.05
CA GLY A 303 18.87 14.57 2.44
C GLY A 303 17.75 14.22 1.48
N ARG A 304 18.07 13.43 0.45
CA ARG A 304 17.03 12.92 -0.44
C ARG A 304 16.34 11.72 0.18
N MET A 305 15.08 11.49 -0.20
CA MET A 305 14.40 10.27 0.20
C MET A 305 14.54 9.21 -0.90
N GLY A 306 15.08 8.06 -0.53
CA GLY A 306 15.15 6.93 -1.43
C GLY A 306 13.84 6.18 -1.40
N ILE A 307 13.37 5.77 -2.58
CA ILE A 307 12.14 4.98 -2.70
C ILE A 307 12.49 3.67 -3.39
N ILE A 308 12.29 2.54 -2.72
CA ILE A 308 12.86 1.28 -3.23
C ILE A 308 11.84 0.20 -3.58
N ASP A 309 10.58 0.43 -3.27
CA ASP A 309 9.53 -0.55 -3.55
C ASP A 309 8.42 0.12 -4.33
N PHE A 310 7.88 -0.58 -5.33
CA PHE A 310 6.89 -0.01 -6.23
C PHE A 310 5.76 -0.98 -6.55
N GLY A 311 5.45 -1.85 -5.59
CA GLY A 311 4.46 -2.90 -5.81
C GLY A 311 3.03 -2.43 -5.75
N ALA A 312 2.81 -1.20 -5.26
CA ALA A 312 1.44 -0.73 -5.06
C ALA A 312 1.14 0.53 -5.87
N VAL A 313 1.94 0.77 -6.90
CA VAL A 313 1.76 1.95 -7.75
C VAL A 313 0.34 1.98 -8.33
N ALA A 314 -0.31 3.13 -8.25
CA ALA A 314 -1.70 3.28 -8.64
C ALA A 314 -1.88 4.27 -9.79
N PRO A 315 -2.78 3.95 -10.73
CA PRO A 315 -2.96 4.81 -11.91
C PRO A 315 -3.71 6.10 -11.59
N MET A 316 -3.17 7.24 -12.04
CA MET A 316 -3.87 8.52 -11.91
C MET A 316 -3.63 9.41 -13.13
N PRO A 317 -4.09 8.96 -14.31
CA PRO A 317 -3.82 9.66 -15.58
C PRO A 317 -4.21 11.14 -15.55
N GLY A 318 -5.35 11.45 -14.95
CA GLY A 318 -5.84 12.82 -14.94
C GLY A 318 -5.17 13.69 -13.89
N GLY A 319 -4.30 13.08 -13.09
CA GLY A 319 -3.68 13.76 -11.98
C GLY A 319 -4.60 13.75 -10.77
N PHE A 320 -4.15 14.40 -9.71
CA PHE A 320 -4.94 14.51 -8.49
C PHE A 320 -6.23 15.27 -8.77
N PRO A 321 -7.39 14.64 -8.54
CA PRO A 321 -8.68 15.27 -8.86
C PRO A 321 -8.92 16.56 -8.08
N ILE A 322 -9.33 17.60 -8.79
CA ILE A 322 -9.45 18.96 -8.26
C ILE A 322 -10.52 19.08 -7.15
N GLU A 323 -11.50 18.18 -7.20
CA GLU A 323 -12.58 18.15 -6.23
C GLU A 323 -12.09 18.01 -4.80
N LEU A 324 -10.99 17.29 -4.61
CA LEU A 324 -10.47 17.04 -3.27
C LEU A 324 -9.91 18.32 -2.64
N GLY A 325 -8.96 18.95 -3.33
CA GLY A 325 -8.37 20.20 -2.86
C GLY A 325 -9.43 21.26 -2.68
N MET A 326 -10.33 21.33 -3.65
CA MET A 326 -11.45 22.26 -3.61
C MET A 326 -12.32 22.06 -2.35
N THR A 327 -12.68 20.81 -2.10
CA THR A 327 -13.47 20.43 -0.94
C THR A 327 -12.77 20.86 0.34
N ILE A 328 -11.46 20.62 0.42
CA ILE A 328 -10.75 20.98 1.63
C ILE A 328 -10.70 22.50 1.84
N ARG A 329 -10.47 23.23 0.76
CA ARG A 329 -10.47 24.70 0.87
C ARG A 329 -11.85 25.22 1.34
N LEU A 330 -12.92 24.75 0.71
CA LEU A 330 -14.26 25.21 1.06
C LEU A 330 -14.63 24.81 2.49
N ALA A 331 -14.19 23.64 2.93
CA ALA A 331 -14.47 23.18 4.28
C ALA A 331 -13.72 24.01 5.31
N ARG A 332 -12.47 24.35 5.01
CA ARG A 332 -11.69 25.20 5.91
C ARG A 332 -12.40 26.52 6.14
N GLU A 333 -12.93 27.09 5.06
CA GLU A 333 -13.64 28.36 5.10
C GLU A 333 -15.07 28.22 5.64
N LYS A 334 -15.50 26.99 5.88
CA LYS A 334 -16.87 26.71 6.32
C LYS A 334 -17.90 27.32 5.38
N ASN A 335 -17.59 27.31 4.10
CA ASN A 335 -18.54 27.73 3.07
C ASN A 335 -19.47 26.57 2.70
N TYR A 336 -20.40 26.24 3.58
CA TYR A 336 -21.24 25.06 3.40
C TYR A 336 -22.16 25.17 2.19
N ASP A 337 -22.58 26.41 1.90
CA ASP A 337 -23.45 26.68 0.75
C ASP A 337 -22.82 26.16 -0.54
N LEU A 338 -21.51 26.27 -0.65
CA LEU A 338 -20.79 25.77 -1.82
C LEU A 338 -20.18 24.39 -1.56
N LEU A 339 -19.82 24.13 -0.32
CA LEU A 339 -19.18 22.85 0.02
C LEU A 339 -20.09 21.66 -0.23
N LEU A 340 -21.34 21.74 0.22
CA LEU A 340 -22.20 20.55 0.09
C LEU A 340 -22.51 20.19 -1.38
N PRO A 341 -22.86 21.18 -2.23
CA PRO A 341 -23.01 20.84 -3.65
C PRO A 341 -21.72 20.33 -4.31
N THR A 342 -20.59 20.91 -3.96
CA THR A 342 -19.31 20.44 -4.48
C THR A 342 -19.08 18.97 -4.11
N MET A 343 -19.29 18.64 -2.84
CA MET A 343 -19.11 17.26 -2.39
C MET A 343 -20.11 16.31 -3.03
N GLU A 344 -21.36 16.73 -3.20
CA GLU A 344 -22.36 15.84 -3.80
C GLU A 344 -22.03 15.59 -5.26
N LYS A 345 -21.67 16.64 -5.98
CA LYS A 345 -21.26 16.51 -7.37
C LYS A 345 -20.04 15.59 -7.50
N ALA A 346 -19.09 15.73 -6.59
CA ALA A 346 -17.89 14.88 -6.59
C ALA A 346 -18.17 13.42 -6.21
N GLY A 347 -19.29 13.17 -5.52
CA GLY A 347 -19.58 11.84 -5.01
C GLY A 347 -18.92 11.57 -3.65
N LEU A 348 -18.54 12.65 -2.96
CA LEU A 348 -17.95 12.53 -1.63
C LEU A 348 -19.00 12.35 -0.54
N ILE A 349 -20.24 12.74 -0.83
CA ILE A 349 -21.38 12.43 0.03
C ILE A 349 -22.46 11.78 -0.82
N GLN A 350 -23.41 11.07 -0.22
CA GLN A 350 -24.46 10.39 -0.95
C GLN A 350 -25.42 11.37 -1.59
N ARG A 351 -25.86 11.14 -2.81
CA ARG A 351 -26.84 12.07 -3.37
C ARG A 351 -28.23 12.01 -2.70
N GLY A 352 -28.96 13.12 -2.73
CA GLY A 352 -30.35 13.16 -2.33
C GLY A 352 -30.65 12.83 -0.87
N ARG A 353 -29.79 13.33 0.02
CA ARG A 353 -29.94 13.05 1.44
C ARG A 353 -29.92 14.30 2.30
N GLN A 354 -30.65 14.25 3.40
CA GLN A 354 -30.48 15.22 4.46
C GLN A 354 -29.14 14.95 5.15
N VAL A 355 -28.24 15.93 5.15
CA VAL A 355 -26.96 15.71 5.80
C VAL A 355 -26.74 16.69 6.95
N SER A 356 -25.92 16.27 7.91
CA SER A 356 -25.52 17.09 9.04
C SER A 356 -24.20 17.78 8.75
N VAL A 357 -24.13 19.10 8.93
CA VAL A 357 -22.85 19.79 8.70
C VAL A 357 -21.86 19.39 9.78
N ARG A 358 -22.34 19.00 10.95
CA ARG A 358 -21.45 18.52 12.01
C ARG A 358 -20.76 17.25 11.54
N GLU A 359 -21.50 16.39 10.86
CA GLU A 359 -20.88 15.16 10.37
C GLU A 359 -19.93 15.47 9.22
N ILE A 360 -20.26 16.43 8.37
CA ILE A 360 -19.35 16.85 7.30
C ILE A 360 -18.01 17.33 7.90
N ASP A 361 -18.11 18.19 8.91
CA ASP A 361 -16.95 18.70 9.64
C ASP A 361 -16.11 17.56 10.20
N GLU A 362 -16.77 16.62 10.87
CA GLU A 362 -16.06 15.47 11.43
C GLU A 362 -15.35 14.68 10.33
N MET A 363 -16.04 14.52 9.21
CA MET A 363 -15.57 13.80 8.04
C MET A 363 -14.30 14.41 7.46
N LEU A 364 -14.20 15.74 7.51
CA LEU A 364 -13.11 16.42 6.81
C LEU A 364 -12.00 16.97 7.72
N ARG A 365 -12.21 16.90 9.04
CA ARG A 365 -11.28 17.55 9.96
C ARG A 365 -9.84 17.03 9.85
N GLN A 366 -9.67 15.73 9.56
CA GLN A 366 -8.35 15.13 9.43
CA GLN A 366 -8.33 15.17 9.45
C GLN A 366 -7.57 15.74 8.26
N TYR A 367 -8.29 16.33 7.31
CA TYR A 367 -7.66 16.98 6.17
C TYR A 367 -7.55 18.48 6.39
N VAL A 368 -8.52 19.03 7.11
CA VAL A 368 -8.57 20.48 7.27
C VAL A 368 -7.61 21.00 8.34
N GLU A 369 -7.56 20.35 9.50
CA GLU A 369 -6.72 20.82 10.59
C GLU A 369 -5.24 20.96 10.21
N PRO A 370 -4.66 20.01 9.45
CA PRO A 370 -3.25 20.22 9.13
C PRO A 370 -2.96 21.45 8.26
N ILE A 371 -3.91 21.91 7.44
CA ILE A 371 -3.61 23.05 6.57
C ILE A 371 -4.13 24.37 7.16
N GLN A 372 -4.47 24.37 8.45
CA GLN A 372 -4.88 25.59 9.14
C GLN A 372 -3.71 26.28 9.82
N VAL A 373 -2.53 25.69 9.71
CA VAL A 373 -1.30 26.28 10.25
C VAL A 373 -0.21 26.17 9.18
N GLU A 374 0.86 26.95 9.32
CA GLU A 374 1.91 26.92 8.32
C GLU A 374 2.67 25.59 8.38
N VAL A 375 2.96 25.14 9.59
CA VAL A 375 3.64 23.86 9.80
C VAL A 375 2.84 23.00 10.78
N PHE A 376 2.32 21.86 10.32
CA PHE A 376 1.52 21.01 11.18
C PHE A 376 2.35 19.91 11.83
N HIS A 377 2.14 19.70 13.12
CA HIS A 377 2.82 18.60 13.79
C HIS A 377 1.96 17.34 13.76
N TYR A 378 2.29 16.43 12.85
CA TYR A 378 1.60 15.15 12.77
C TYR A 378 2.01 14.27 13.95
N THR A 379 1.05 13.97 14.82
CA THR A 379 1.32 13.17 16.00
C THR A 379 0.28 12.06 16.15
N ARG A 380 0.66 11.01 16.86
CA ARG A 380 -0.26 9.93 17.19
C ARG A 380 -1.40 10.46 18.07
N LYS A 381 -1.08 11.38 18.97
CA LYS A 381 -2.12 12.00 19.80
C LYS A 381 -3.23 12.65 18.96
N TRP A 382 -2.82 13.41 17.94
CA TRP A 382 -3.77 14.06 17.04
C TRP A 382 -4.60 13.04 16.27
N LEU A 383 -3.95 12.01 15.73
CA LEU A 383 -4.65 10.97 14.97
C LEU A 383 -5.72 10.28 15.84
N GLN A 384 -5.32 10.00 17.07
CA GLN A 384 -6.22 9.44 18.06
C GLN A 384 -7.41 10.36 18.23
N LYS A 385 -7.16 11.65 18.38
CA LYS A 385 -8.27 12.62 18.44
C LYS A 385 -9.16 12.58 17.19
N MET A 386 -8.55 12.28 16.05
CA MET A 386 -9.30 12.23 14.80
C MET A 386 -10.16 10.99 14.74
N THR A 387 -9.86 9.97 15.56
CA THR A 387 -10.75 8.80 15.56
C THR A 387 -12.00 8.91 16.43
N VAL A 388 -12.13 9.94 17.26
CA VAL A 388 -13.28 9.97 18.18
C VAL A 388 -14.43 10.82 17.63
N SER A 389 -15.60 10.20 17.55
CA SER A 389 -16.75 10.80 16.89
C SER A 389 -17.32 11.99 17.66
N GLN A 390 -17.88 12.94 16.91
CA GLN A 390 -18.50 14.12 17.49
C GLN A 390 -19.98 13.86 17.74
N ILE A 391 -20.57 12.97 16.95
CA ILE A 391 -21.99 12.69 17.04
C ILE A 391 -22.26 11.39 17.79
N ASP A 392 -22.66 11.52 19.04
CA ASP A 392 -23.09 10.37 19.83
C ASP A 392 -24.42 9.87 19.26
N ARG A 393 -24.49 8.57 18.98
CA ARG A 393 -25.64 8.00 18.27
C ARG A 393 -26.88 7.92 19.18
N SER A 394 -26.67 8.00 20.49
CA SER A 394 -27.79 8.05 21.42
C SER A 394 -28.42 9.45 21.36
N VAL A 395 -27.64 10.44 20.97
CA VAL A 395 -28.16 11.79 20.78
C VAL A 395 -29.05 11.88 19.54
N ALA A 396 -28.56 11.32 18.44
CA ALA A 396 -29.28 11.33 17.18
C ALA A 396 -28.92 10.12 16.33
N GLN A 397 -29.94 9.49 15.74
CA GLN A 397 -29.72 8.33 14.88
C GLN A 397 -29.79 8.77 13.43
N ILE A 398 -28.68 9.27 12.92
CA ILE A 398 -28.59 9.66 11.52
C ILE A 398 -27.92 8.54 10.74
N ARG A 399 -28.11 8.55 9.44
CA ARG A 399 -27.42 7.68 8.50
C ARG A 399 -26.33 8.48 7.83
N THR A 400 -25.13 7.93 7.86
CA THR A 400 -23.97 8.72 7.48
C THR A 400 -24.09 9.34 6.08
N ALA A 401 -23.59 10.57 5.95
CA ALA A 401 -23.51 11.23 4.65
C ALA A 401 -22.34 10.66 3.87
N ARG A 402 -21.48 9.92 4.58
CA ARG A 402 -20.28 9.36 3.99
C ARG A 402 -20.62 8.50 2.77
N GLN A 403 -19.80 8.63 1.74
CA GLN A 403 -19.92 7.79 0.56
C GLN A 403 -19.21 6.47 0.81
N MET A 404 -19.95 5.38 0.78
CA MET A 404 -19.34 4.06 0.96
C MET A 404 -19.06 3.42 -0.40
N ASP A 405 -19.49 4.09 -1.45
CA ASP A 405 -19.16 3.69 -2.81
C ASP A 405 -18.45 4.82 -3.53
N LEU A 406 -17.25 5.15 -3.06
CA LEU A 406 -16.45 6.21 -3.65
C LEU A 406 -16.08 5.89 -5.08
N PRO A 407 -16.15 6.90 -5.95
CA PRO A 407 -15.61 6.74 -7.31
C PRO A 407 -14.13 6.41 -7.23
N ALA A 408 -13.64 5.55 -8.12
CA ALA A 408 -12.25 5.08 -8.06
C ALA A 408 -11.24 6.22 -8.01
N LYS A 409 -11.46 7.24 -8.84
CA LYS A 409 -10.52 8.34 -8.94
C LYS A 409 -10.42 9.13 -7.64
N LEU A 410 -11.41 8.98 -6.76
CA LEU A 410 -11.33 9.56 -5.44
C LEU A 410 -10.83 8.53 -4.42
N ALA A 411 -11.36 7.32 -4.49
CA ALA A 411 -11.02 6.28 -3.52
C ALA A 411 -9.52 5.96 -3.49
N ILE A 412 -8.89 5.86 -4.66
CA ILE A 412 -7.46 5.50 -4.70
C ILE A 412 -6.56 6.53 -3.96
N PRO A 413 -6.60 7.81 -4.38
CA PRO A 413 -5.72 8.74 -3.66
C PRO A 413 -6.12 8.91 -2.20
N MET A 414 -7.40 8.80 -1.86
CA MET A 414 -7.80 9.00 -0.46
C MET A 414 -7.24 7.89 0.44
N ARG A 415 -7.23 6.67 -0.09
CA ARG A 415 -6.65 5.52 0.61
C ARG A 415 -5.13 5.69 0.79
N VAL A 416 -4.46 6.06 -0.30
CA VAL A 416 -3.03 6.32 -0.21
C VAL A 416 -2.73 7.40 0.84
N ILE A 417 -3.49 8.49 0.78
CA ILE A 417 -3.34 9.60 1.69
C ILE A 417 -3.55 9.16 3.14
N ALA A 418 -4.51 8.27 3.39
CA ALA A 418 -4.71 7.77 4.75
C ALA A 418 -3.47 7.01 5.26
N SER A 419 -2.92 6.15 4.41
CA SER A 419 -1.74 5.42 4.85
C SER A 419 -0.56 6.37 5.13
N VAL A 420 -0.39 7.35 4.24
CA VAL A 420 0.66 8.35 4.38
C VAL A 420 0.51 9.16 5.66
N GLY A 421 -0.70 9.67 5.91
CA GLY A 421 -0.96 10.44 7.11
C GLY A 421 -0.66 9.66 8.38
N ALA A 422 -1.07 8.38 8.39
CA ALA A 422 -0.73 7.55 9.56
C ALA A 422 0.80 7.45 9.74
N ILE A 423 1.50 7.27 8.63
CA ILE A 423 2.97 7.24 8.71
C ILE A 423 3.57 8.58 9.23
N LEU A 424 3.02 9.70 8.79
CA LEU A 424 3.45 11.01 9.25
C LEU A 424 3.28 11.11 10.76
N CYS A 425 2.18 10.59 11.26
CA CYS A 425 1.95 10.59 12.71
C CYS A 425 2.93 9.68 13.44
N GLN A 426 3.26 8.52 12.86
CA GLN A 426 4.27 7.65 13.46
C GLN A 426 5.64 8.35 13.50
N LEU A 427 5.92 9.16 12.49
CA LEU A 427 7.19 9.88 12.42
C LEU A 427 7.26 11.04 13.42
N ASP A 428 6.09 11.47 13.90
CA ASP A 428 5.99 12.67 14.77
C ASP A 428 6.52 13.87 13.99
N ALA A 429 6.24 13.89 12.68
CA ALA A 429 6.82 14.86 11.76
C ALA A 429 6.12 16.22 11.73
N HIS A 430 6.92 17.27 11.70
CA HIS A 430 6.46 18.63 11.39
C HIS A 430 6.56 18.83 9.89
N VAL A 431 5.41 19.11 9.27
CA VAL A 431 5.31 19.19 7.81
C VAL A 431 4.60 20.46 7.39
N PRO A 432 5.20 21.23 6.46
CA PRO A 432 4.50 22.36 5.87
C PRO A 432 3.49 21.89 4.82
N ILE A 433 2.46 21.17 5.27
CA ILE A 433 1.50 20.58 4.35
C ILE A 433 0.66 21.67 3.68
N LYS A 434 0.47 22.81 4.34
CA LYS A 434 -0.29 23.90 3.73
C LYS A 434 0.35 24.39 2.42
N ALA A 435 1.66 24.68 2.47
CA ALA A 435 2.38 25.15 1.29
C ALA A 435 2.47 24.07 0.21
N LEU A 436 2.73 22.83 0.62
CA LEU A 436 2.76 21.72 -0.33
C LEU A 436 1.44 21.58 -1.05
N SER A 437 0.35 21.74 -0.32
CA SER A 437 -0.99 21.64 -0.88
C SER A 437 -1.26 22.78 -1.85
N GLU A 438 -0.88 24.00 -1.44
CA GLU A 438 -1.05 25.16 -2.31
C GLU A 438 -0.30 24.95 -3.63
N GLU A 439 0.93 24.46 -3.53
CA GLU A 439 1.78 24.27 -4.72
C GLU A 439 1.36 23.10 -5.61
N LEU A 440 0.92 22.00 -5.03
CA LEU A 440 0.81 20.73 -5.77
C LEU A 440 -0.60 20.19 -5.96
N ILE A 441 -1.53 20.57 -5.08
CA ILE A 441 -2.87 19.99 -5.13
C ILE A 441 -3.85 20.89 -5.87
N PRO A 442 -4.34 20.42 -7.03
CA PRO A 442 -5.31 21.19 -7.82
C PRO A 442 -6.51 21.61 -6.99
N GLY A 443 -6.87 22.89 -7.08
CA GLY A 443 -8.07 23.37 -6.43
C GLY A 443 -7.89 23.85 -5.01
N PHE A 444 -6.75 23.56 -4.39
CA PHE A 444 -6.61 23.96 -2.98
C PHE A 444 -6.26 25.44 -2.78
N ALA A 445 -5.33 25.97 -3.57
CA ALA A 445 -4.92 27.37 -3.43
C ALA A 445 -6.09 28.31 -3.68
N GLU A 446 -6.13 29.43 -2.97
CA GLU A 446 -7.14 30.45 -3.20
C GLU A 446 -7.02 30.97 -4.63
N PRO A 447 -8.13 30.91 -5.39
CA PRO A 447 -8.13 31.30 -6.80
C PRO A 447 -8.22 32.81 -6.99
C1 GOL B . 16.95 -9.85 -18.26
O1 GOL B . 17.85 -10.47 -19.14
C2 GOL B . 16.96 -8.34 -18.48
O2 GOL B . 17.63 -8.04 -19.69
C3 GOL B . 15.52 -7.84 -18.55
O3 GOL B . 15.49 -6.43 -18.52
C1 GOL C . 0.97 13.90 -15.89
O1 GOL C . 1.32 12.79 -16.68
C2 GOL C . -0.50 14.25 -16.10
O2 GOL C . -0.62 15.22 -17.10
C3 GOL C . -1.09 14.79 -14.80
O3 GOL C . -2.27 15.49 -15.10
S SO4 D . 23.13 -5.75 -19.38
O1 SO4 D . 23.47 -4.62 -18.51
O2 SO4 D . 21.68 -5.92 -19.39
O3 SO4 D . 23.76 -6.97 -18.88
O4 SO4 D . 23.60 -5.48 -20.73
S SO4 E . -24.94 7.76 -4.52
O1 SO4 E . -24.72 9.20 -4.40
O2 SO4 E . -25.92 7.34 -3.52
O3 SO4 E . -23.69 7.06 -4.30
O4 SO4 E . -25.45 7.46 -5.86
S SO4 F . -17.47 -10.77 -11.11
O1 SO4 F . -16.67 -10.06 -12.11
O2 SO4 F . -16.95 -10.49 -9.78
O3 SO4 F . -18.86 -10.33 -11.19
O4 SO4 F . -17.40 -12.21 -11.37
S SO4 G . 13.37 -26.48 -10.48
O1 SO4 G . 14.77 -26.19 -10.20
O2 SO4 G . 12.53 -25.50 -9.80
O3 SO4 G . 13.05 -27.82 -9.98
O4 SO4 G . 13.13 -26.43 -11.91
S SO4 H . 5.16 -13.71 -20.97
O1 SO4 H . 6.05 -12.69 -21.50
O2 SO4 H . 4.13 -13.08 -20.15
O3 SO4 H . 4.52 -14.41 -22.08
O4 SO4 H . 5.91 -14.66 -20.16
#